data_5OFK
#
_entry.id   5OFK
#
_cell.length_a   183.611
_cell.length_b   183.611
_cell.length_c   56.235
_cell.angle_alpha   90.00
_cell.angle_beta   90.00
_cell.angle_gamma   90.00
#
_symmetry.space_group_name_H-M   'I 4 2 2'
#
loop_
_entity.id
_entity.type
_entity.pdbx_description
1 polymer 'Glycoside hydrolase family 48'
2 branched beta-D-xylopyranose-(1-4)-beta-D-xylopyranose-(1-4)-beta-D-xylopyranose-(1-4)-beta-D-xylopyranose-(1-4)-beta-D-xylopyranose-(1-4)-beta-D-xylopyranose-(1-4)-beta-D-xylopyranose
3 non-polymer 'SULFATE ION'
4 non-polymer (4S)-2-METHYL-2,4-PENTANEDIOL
5 non-polymer "PIPERAZINE-N,N'-BIS(2-ETHANESULFONIC ACID)"
6 water water
#
_entity_poly.entity_id   1
_entity_poly.type   'polypeptide(L)'
_entity_poly.pdbx_seq_one_letter_code
;DKMPDWNIPSLYESYKNDFRIGVAIPAKCLSNDTDRRMVLKHFNSITAENEMKPESLLAGQTSTGLNYRFSTADTFVDFA
NTNNIGIRGHTLVWHSQTPDWFFKDSSGQRLTKDALLARLKQYIYDVVGRYKGKVYAWDVVNQAIDENQSDGYRRSTWYE
ICGPEYIEKAFIWAHEADPNAKLFYNDYNTEISKKRDFIYNMVKNLKSKGIPIHGIGMQCHINVNWPSVSEIENSIKLFS
SIPGIEIHITQLDMSLYNYGSSENYSTPPQDLLQKQAQKYKELFTMLKKYTNVVKCVTFWGLKDDYSWLRSFNGKNDWPL
LLFEDYSAKPAYWAVIEAS
;
_entity_poly.pdbx_strand_id   A
#
# COMPACT_ATOMS: atom_id res chain seq x y z
N ASP A 1 21.43 22.05 5.11
CA ASP A 1 20.99 21.53 6.40
C ASP A 1 19.46 21.40 6.43
N LYS A 2 18.94 20.75 7.48
CA LYS A 2 17.52 20.43 7.51
CA LYS A 2 17.52 20.43 7.53
C LYS A 2 16.69 21.70 7.70
N MET A 3 15.59 21.77 6.96
CA MET A 3 14.70 22.94 6.99
CA MET A 3 14.70 22.94 6.99
C MET A 3 13.23 22.51 7.10
N PRO A 4 12.88 21.71 8.09
CA PRO A 4 11.45 21.44 8.30
C PRO A 4 10.78 22.71 8.77
N ASP A 5 9.52 22.89 8.38
CA ASP A 5 8.73 24.02 8.87
C ASP A 5 7.59 23.45 9.69
N TRP A 6 7.68 23.61 11.00
CA TRP A 6 6.70 23.03 11.90
C TRP A 6 5.38 23.79 11.93
N ASN A 7 5.27 24.92 11.22
CA ASN A 7 4.10 25.77 11.34
C ASN A 7 3.22 25.83 10.10
N ILE A 8 3.58 25.15 9.02
CA ILE A 8 2.76 25.18 7.81
C ILE A 8 1.56 24.26 8.01
N PRO A 9 0.53 24.35 7.18
CA PRO A 9 -0.68 23.55 7.43
C PRO A 9 -0.40 22.05 7.47
N SER A 10 -1.08 21.38 8.41
CA SER A 10 -1.02 19.93 8.49
C SER A 10 -1.83 19.30 7.36
N LEU A 11 -1.21 18.36 6.66
CA LEU A 11 -1.90 17.65 5.57
C LEU A 11 -3.18 16.98 6.08
N TYR A 12 -3.08 16.12 7.11
CA TYR A 12 -4.28 15.40 7.52
C TYR A 12 -5.32 16.35 8.08
N GLU A 13 -4.91 17.40 8.80
CA GLU A 13 -5.91 18.33 9.32
CA GLU A 13 -5.91 18.33 9.32
C GLU A 13 -6.66 19.02 8.19
N SER A 14 -5.94 19.35 7.10
CA SER A 14 -6.56 20.01 5.95
C SER A 14 -7.58 19.13 5.26
N TYR A 15 -7.52 17.81 5.47
CA TYR A 15 -8.44 16.84 4.87
C TYR A 15 -9.30 16.12 5.92
N LYS A 16 -9.43 16.69 7.12
CA LYS A 16 -9.99 15.92 8.24
C LYS A 16 -11.44 15.51 8.00
N ASN A 17 -12.19 16.27 7.22
CA ASN A 17 -13.57 15.91 6.93
C ASN A 17 -13.70 15.10 5.65
N ASP A 18 -12.58 14.78 4.99
CA ASP A 18 -12.59 14.10 3.71
C ASP A 18 -12.10 12.66 3.82
N PHE A 19 -10.88 12.47 4.28
CA PHE A 19 -10.27 11.14 4.37
C PHE A 19 -8.98 11.25 5.18
N ARG A 20 -8.54 10.12 5.75
CA ARG A 20 -7.25 10.11 6.41
C ARG A 20 -6.16 10.38 5.39
N ILE A 21 -5.05 10.95 5.86
CA ILE A 21 -3.86 11.17 5.06
C ILE A 21 -2.73 10.40 5.74
N GLY A 22 -2.13 9.44 5.03
CA GLY A 22 -1.15 8.56 5.63
C GLY A 22 0.20 8.63 4.93
N VAL A 23 1.17 8.01 5.59
CA VAL A 23 2.53 7.93 5.04
C VAL A 23 3.14 6.56 5.32
N ALA A 24 3.84 6.03 4.33
CA ALA A 24 4.67 4.84 4.51
C ALA A 24 6.04 5.25 5.00
N ILE A 25 6.50 4.56 6.03
CA ILE A 25 7.80 4.87 6.63
C ILE A 25 8.51 3.58 7.00
N PRO A 26 9.85 3.58 6.92
CA PRO A 26 10.65 2.50 7.46
C PRO A 26 10.95 2.72 8.93
N ALA A 27 11.52 1.68 9.54
CA ALA A 27 11.71 1.68 10.99
C ALA A 27 12.62 2.82 11.45
N LYS A 28 13.61 3.21 10.63
CA LYS A 28 14.52 4.27 11.04
C LYS A 28 13.76 5.54 11.40
N CYS A 29 12.61 5.80 10.77
CA CYS A 29 11.88 7.04 11.05
C CYS A 29 11.36 7.07 12.48
N LEU A 30 11.09 5.90 13.06
CA LEU A 30 10.54 5.85 14.40
C LEU A 30 11.59 6.21 15.45
N SER A 31 12.86 6.21 15.10
CA SER A 31 13.90 6.57 16.06
C SER A 31 14.63 7.85 15.67
N ASN A 32 14.03 8.65 14.78
CA ASN A 32 14.63 9.92 14.34
C ASN A 32 13.67 11.02 14.77
N ASP A 33 14.14 11.97 15.57
CA ASP A 33 13.20 12.93 16.14
C ASP A 33 12.53 13.79 15.07
N THR A 34 13.28 14.20 14.05
CA THR A 34 12.66 15.03 13.01
C THR A 34 11.63 14.24 12.23
N ASP A 35 11.97 13.01 11.83
CA ASP A 35 11.01 12.19 11.09
C ASP A 35 9.75 11.96 11.89
N ARG A 36 9.89 11.60 13.17
CA ARG A 36 8.74 11.31 14.00
CA ARG A 36 8.74 11.32 14.01
C ARG A 36 7.83 12.53 14.11
N ARG A 37 8.42 13.70 14.34
CA ARG A 37 7.60 14.91 14.50
C ARG A 37 6.90 15.24 13.19
N MET A 38 7.59 15.05 12.06
CA MET A 38 6.98 15.35 10.76
C MET A 38 5.85 14.39 10.45
N VAL A 39 6.04 13.10 10.74
CA VAL A 39 4.98 12.12 10.57
C VAL A 39 3.76 12.51 11.37
N LEU A 40 3.95 12.83 12.65
CA LEU A 40 2.79 13.12 13.48
C LEU A 40 2.16 14.47 13.17
N LYS A 41 2.95 15.43 12.64
CA LYS A 41 2.37 16.70 12.24
C LYS A 41 1.37 16.52 11.11
N HIS A 42 1.71 15.72 10.11
CA HIS A 42 1.00 15.71 8.84
C HIS A 42 0.11 14.51 8.59
N PHE A 43 0.31 13.41 9.31
CA PHE A 43 -0.33 12.15 8.93
C PHE A 43 -1.10 11.55 10.10
N ASN A 44 -2.29 11.03 9.82
CA ASN A 44 -3.09 10.32 10.82
C ASN A 44 -3.27 8.84 10.48
N SER A 45 -2.39 8.33 9.62
CA SER A 45 -2.24 6.91 9.32
C SER A 45 -0.80 6.69 8.91
N ILE A 46 -0.24 5.55 9.27
CA ILE A 46 1.04 5.10 8.75
C ILE A 46 0.89 3.69 8.19
N THR A 47 1.83 3.35 7.30
CA THR A 47 2.04 1.99 6.82
C THR A 47 3.52 1.70 7.00
N ALA A 48 3.84 0.49 7.48
CA ALA A 48 5.24 0.10 7.51
C ALA A 48 5.70 -0.18 6.08
N GLU A 49 6.80 0.46 5.67
CA GLU A 49 7.22 0.33 4.27
C GLU A 49 7.61 -1.11 3.94
N ASN A 50 8.25 -1.80 4.89
CA ASN A 50 8.68 -3.18 4.69
C ASN A 50 8.47 -4.08 5.88
N GLU A 51 8.32 -3.52 7.07
CA GLU A 51 8.52 -4.24 8.32
C GLU A 51 7.33 -5.11 8.70
N MET A 52 6.23 -5.09 7.95
CA MET A 52 5.11 -5.97 8.19
C MET A 52 4.87 -6.92 7.03
N LYS A 53 5.80 -6.99 6.08
CA LYS A 53 5.74 -7.94 5.00
C LYS A 53 6.17 -9.33 5.50
N PRO A 54 5.82 -10.39 4.76
CA PRO A 54 6.14 -11.74 5.24
C PRO A 54 7.61 -11.98 5.54
N GLU A 55 8.53 -11.56 4.68
CA GLU A 55 9.94 -11.82 4.97
C GLU A 55 10.38 -11.13 6.25
N SER A 56 9.72 -10.03 6.65
CA SER A 56 10.10 -9.31 7.86
C SER A 56 9.57 -9.97 9.12
N LEU A 57 8.36 -10.52 9.06
CA LEU A 57 7.77 -11.15 10.23
C LEU A 57 8.16 -12.61 10.39
N LEU A 58 8.55 -13.28 9.30
CA LEU A 58 8.95 -14.67 9.37
C LEU A 58 10.40 -14.78 9.82
N ALA A 59 10.66 -15.63 10.79
CA ALA A 59 12.02 -15.93 11.18
C ALA A 59 12.49 -17.27 10.65
N GLY A 60 11.59 -18.22 10.43
CA GLY A 60 12.00 -19.54 10.02
C GLY A 60 10.85 -20.52 10.16
N GLN A 61 11.18 -21.78 10.04
CA GLN A 61 10.19 -22.85 10.21
C GLN A 61 10.88 -24.03 10.86
N THR A 62 10.05 -24.86 11.47
CA THR A 62 10.40 -26.22 11.85
C THR A 62 9.30 -27.15 11.37
N SER A 63 9.46 -28.44 11.66
N SER A 63 9.44 -28.45 11.65
CA SER A 63 8.47 -29.43 11.28
CA SER A 63 8.42 -29.39 11.23
C SER A 63 7.12 -29.20 11.95
C SER A 63 7.08 -29.09 11.88
N THR A 64 7.05 -28.35 12.99
CA THR A 64 5.75 -28.05 13.58
C THR A 64 5.15 -26.75 13.09
N GLY A 65 5.88 -25.94 12.35
CA GLY A 65 5.29 -24.75 11.77
C GLY A 65 6.23 -23.57 11.79
N LEU A 66 5.65 -22.38 11.71
CA LEU A 66 6.39 -21.16 11.50
C LEU A 66 6.91 -20.54 12.80
N ASN A 67 8.08 -19.91 12.70
N ASN A 67 8.04 -19.86 12.71
CA ASN A 67 8.69 -19.06 13.72
CA ASN A 67 8.59 -19.05 13.77
C ASN A 67 8.62 -17.62 13.24
C ASN A 67 8.70 -17.62 13.27
N TYR A 68 8.48 -16.68 14.18
CA TYR A 68 8.27 -15.29 13.86
C TYR A 68 9.27 -14.40 14.58
N ARG A 69 9.38 -13.18 14.07
CA ARG A 69 10.16 -12.11 14.68
C ARG A 69 9.29 -10.87 14.61
N PHE A 70 8.75 -10.47 15.76
CA PHE A 70 7.74 -9.43 15.82
C PHE A 70 8.22 -8.11 16.43
N SER A 71 9.44 -8.03 16.97
CA SER A 71 9.81 -6.88 17.78
CA SER A 71 9.81 -6.88 17.78
C SER A 71 9.74 -5.58 17.00
N THR A 72 10.30 -5.54 15.79
CA THR A 72 10.25 -4.29 15.02
C THR A 72 8.82 -3.95 14.62
N ALA A 73 8.04 -4.94 14.19
CA ALA A 73 6.68 -4.66 13.81
C ALA A 73 5.87 -4.16 15.01
N ASP A 74 6.12 -4.73 16.19
CA ASP A 74 5.48 -4.24 17.41
C ASP A 74 5.73 -2.75 17.60
N THR A 75 6.95 -2.29 17.32
N THR A 75 6.93 -2.29 17.30
CA THR A 75 7.22 -0.86 17.48
CA THR A 75 7.26 -0.88 17.48
C THR A 75 6.33 -0.02 16.60
C THR A 75 6.43 0.02 16.56
N PHE A 76 6.08 -0.47 15.36
CA PHE A 76 5.21 0.30 14.47
C PHE A 76 3.78 0.37 15.02
N VAL A 77 3.24 -0.77 15.43
CA VAL A 77 1.86 -0.79 15.89
C VAL A 77 1.72 0.01 17.18
N ASP A 78 2.66 -0.16 18.11
N ASP A 78 2.68 -0.14 18.09
CA ASP A 78 2.63 0.65 19.33
CA ASP A 78 2.65 0.64 19.32
C ASP A 78 2.76 2.14 19.04
C ASP A 78 2.77 2.13 19.05
N PHE A 79 3.63 2.52 18.10
CA PHE A 79 3.79 3.93 17.76
C PHE A 79 2.45 4.50 17.27
N ALA A 80 1.77 3.79 16.38
CA ALA A 80 0.48 4.26 15.89
C ALA A 80 -0.53 4.34 17.02
N ASN A 81 -0.63 3.29 17.82
CA ASN A 81 -1.67 3.25 18.84
C ASN A 81 -1.45 4.31 19.91
N THR A 82 -0.20 4.45 20.39
N THR A 82 -0.21 4.46 20.41
CA THR A 82 0.07 5.42 21.44
CA THR A 82 0.01 5.43 21.47
C THR A 82 -0.13 6.85 20.97
C THR A 82 -0.10 6.86 20.97
N ASN A 83 0.05 7.10 19.67
CA ASN A 83 -0.11 8.42 19.10
C ASN A 83 -1.48 8.66 18.49
N ASN A 84 -2.44 7.76 18.73
CA ASN A 84 -3.82 7.97 18.27
C ASN A 84 -3.92 8.14 16.76
N ILE A 85 -3.15 7.33 16.01
CA ILE A 85 -3.27 7.33 14.56
C ILE A 85 -3.48 5.88 14.11
N GLY A 86 -3.94 5.72 12.90
CA GLY A 86 -4.09 4.39 12.38
C GLY A 86 -2.81 3.83 11.83
N ILE A 87 -2.74 2.49 11.81
CA ILE A 87 -1.72 1.79 11.04
C ILE A 87 -2.39 0.80 10.08
N ARG A 88 -2.07 0.94 8.80
CA ARG A 88 -2.46 -0.06 7.79
C ARG A 88 -1.42 -1.17 7.79
N GLY A 89 -1.85 -2.41 7.95
CA GLY A 89 -0.98 -3.55 7.90
C GLY A 89 -0.69 -3.95 6.47
N HIS A 90 0.58 -3.98 6.09
CA HIS A 90 0.99 -4.29 4.72
C HIS A 90 2.13 -5.30 4.80
N THR A 91 1.92 -6.55 4.34
CA THR A 91 0.75 -7.10 3.67
C THR A 91 0.84 -8.60 3.97
N LEU A 92 -0.30 -9.30 4.07
CA LEU A 92 -0.28 -10.68 4.54
C LEU A 92 0.14 -11.69 3.48
N VAL A 93 -0.23 -11.48 2.22
CA VAL A 93 -0.05 -12.44 1.14
C VAL A 93 0.47 -11.68 -0.08
N TRP A 94 1.66 -12.06 -0.58
CA TRP A 94 2.28 -11.36 -1.70
C TRP A 94 3.33 -12.25 -2.32
N HIS A 95 3.39 -12.26 -3.65
CA HIS A 95 4.42 -13.02 -4.35
C HIS A 95 5.82 -12.49 -4.12
N SER A 96 5.95 -11.21 -3.72
N SER A 96 5.95 -11.23 -3.71
CA SER A 96 7.24 -10.61 -3.45
CA SER A 96 7.25 -10.61 -3.46
C SER A 96 7.48 -10.58 -1.94
C SER A 96 7.48 -10.46 -1.97
N GLN A 97 8.75 -10.45 -1.60
CA GLN A 97 9.16 -10.24 -0.20
C GLN A 97 8.53 -11.28 0.71
N THR A 98 8.49 -12.52 0.22
N THR A 98 8.54 -12.52 0.23
CA THR A 98 8.17 -13.71 0.98
CA THR A 98 8.17 -13.71 0.98
C THR A 98 9.27 -14.71 0.66
C THR A 98 9.19 -14.79 0.66
N PRO A 99 9.93 -15.31 1.64
CA PRO A 99 11.01 -16.25 1.31
C PRO A 99 10.49 -17.49 0.62
N ASP A 100 11.30 -18.05 -0.30
CA ASP A 100 10.86 -19.23 -1.01
C ASP A 100 10.70 -20.42 -0.08
N TRP A 101 11.40 -20.46 1.06
CA TRP A 101 11.21 -21.57 1.99
C TRP A 101 9.81 -21.59 2.56
N PHE A 102 9.09 -20.49 2.53
CA PHE A 102 7.70 -20.50 2.99
C PHE A 102 6.86 -21.48 2.20
N PHE A 103 7.22 -21.76 0.96
CA PHE A 103 6.47 -22.66 0.10
C PHE A 103 7.02 -24.07 0.11
N LYS A 104 7.90 -24.38 1.05
CA LYS A 104 8.56 -25.66 1.16
C LYS A 104 8.37 -26.24 2.57
N ASP A 105 8.46 -27.56 2.66
CA ASP A 105 8.49 -28.22 3.97
C ASP A 105 9.89 -28.10 4.57
N SER A 106 10.04 -28.63 5.79
N SER A 106 10.04 -28.65 5.78
CA SER A 106 11.31 -28.54 6.50
CA SER A 106 11.29 -28.55 6.51
C SER A 106 12.43 -29.26 5.78
C SER A 106 12.42 -29.33 5.86
N SER A 107 12.13 -30.07 4.76
N SER A 107 12.15 -30.07 4.79
CA SER A 107 13.14 -30.80 4.01
CA SER A 107 13.20 -30.76 4.04
C SER A 107 13.40 -30.19 2.63
C SER A 107 13.42 -30.19 2.64
N GLY A 108 12.88 -29.00 2.35
CA GLY A 108 13.13 -28.33 1.09
C GLY A 108 12.20 -28.69 -0.04
N GLN A 109 11.24 -29.59 0.19
CA GLN A 109 10.32 -29.99 -0.86
C GLN A 109 9.11 -29.06 -0.92
N ARG A 110 8.68 -28.75 -2.13
CA ARG A 110 7.52 -27.88 -2.31
C ARG A 110 6.31 -28.45 -1.57
N LEU A 111 5.59 -27.57 -0.89
CA LEU A 111 4.39 -27.97 -0.18
C LEU A 111 3.29 -28.37 -1.16
N THR A 112 2.45 -29.31 -0.72
CA THR A 112 1.22 -29.60 -1.42
C THR A 112 0.23 -28.45 -1.20
N LYS A 113 -0.82 -28.45 -2.01
CA LYS A 113 -1.87 -27.46 -1.86
C LYS A 113 -2.45 -27.48 -0.45
N ASP A 114 -2.76 -28.67 0.05
CA ASP A 114 -3.36 -28.74 1.38
C ASP A 114 -2.40 -28.21 2.43
N ALA A 115 -1.11 -28.55 2.32
CA ALA A 115 -0.15 -28.13 3.32
C ALA A 115 0.10 -26.63 3.26
N LEU A 116 0.14 -26.06 2.05
CA LEU A 116 0.34 -24.62 1.93
C LEU A 116 -0.86 -23.85 2.44
N LEU A 117 -2.07 -24.31 2.12
CA LEU A 117 -3.26 -23.62 2.66
C LEU A 117 -3.28 -23.70 4.18
N ALA A 118 -2.88 -24.84 4.76
CA ALA A 118 -2.79 -24.92 6.22
C ALA A 118 -1.77 -23.93 6.77
N ARG A 119 -0.65 -23.77 6.07
CA ARG A 119 0.36 -22.80 6.48
C ARG A 119 -0.15 -21.36 6.36
N LEU A 120 -0.90 -21.06 5.29
CA LEU A 120 -1.49 -19.74 5.12
C LEU A 120 -2.42 -19.41 6.28
N LYS A 121 -3.27 -20.36 6.67
CA LYS A 121 -4.16 -20.14 7.80
C LYS A 121 -3.36 -19.88 9.08
N GLN A 122 -2.32 -20.68 9.31
CA GLN A 122 -1.48 -20.48 10.50
C GLN A 122 -0.86 -19.09 10.51
N TYR A 123 -0.27 -18.70 9.39
CA TYR A 123 0.38 -17.39 9.27
C TYR A 123 -0.61 -16.26 9.54
N ILE A 124 -1.76 -16.26 8.86
CA ILE A 124 -2.73 -15.19 9.05
C ILE A 124 -3.27 -15.18 10.48
N TYR A 125 -3.64 -16.34 11.01
CA TYR A 125 -4.13 -16.38 12.38
C TYR A 125 -3.10 -15.82 13.35
N ASP A 126 -1.83 -16.18 13.18
CA ASP A 126 -0.78 -15.71 14.10
C ASP A 126 -0.53 -14.21 13.96
N VAL A 127 -0.41 -13.71 12.73
CA VAL A 127 -0.05 -12.30 12.53
C VAL A 127 -1.24 -11.40 12.82
N VAL A 128 -2.37 -11.66 12.18
CA VAL A 128 -3.55 -10.83 12.44
C VAL A 128 -3.99 -10.97 13.90
N GLY A 129 -3.87 -12.18 14.45
CA GLY A 129 -4.23 -12.38 15.84
C GLY A 129 -3.36 -11.57 16.79
N ARG A 130 -2.05 -11.48 16.53
CA ARG A 130 -1.18 -10.76 17.44
C ARG A 130 -1.63 -9.32 17.55
N TYR A 131 -2.04 -8.74 16.43
CA TYR A 131 -2.35 -7.32 16.36
C TYR A 131 -3.85 -7.04 16.40
N LYS A 132 -4.64 -8.02 16.80
CA LYS A 132 -6.09 -7.89 16.83
C LYS A 132 -6.53 -6.64 17.57
N GLY A 133 -7.39 -5.88 16.92
CA GLY A 133 -7.89 -4.64 17.48
C GLY A 133 -6.98 -3.43 17.31
N LYS A 134 -5.75 -3.61 16.84
CA LYS A 134 -4.77 -2.53 16.80
C LYS A 134 -4.45 -2.06 15.40
N VAL A 135 -4.85 -2.79 14.37
CA VAL A 135 -4.54 -2.50 12.97
C VAL A 135 -5.89 -2.29 12.27
N TYR A 136 -6.20 -1.05 11.91
CA TYR A 136 -7.54 -0.76 11.41
C TYR A 136 -7.82 -1.35 10.05
N ALA A 137 -6.79 -1.54 9.24
CA ALA A 137 -6.95 -2.02 7.87
C ALA A 137 -5.76 -2.90 7.55
N TRP A 138 -6.02 -4.02 6.88
CA TRP A 138 -4.96 -4.87 6.36
C TRP A 138 -5.05 -4.98 4.84
N ASP A 139 -3.91 -4.87 4.17
CA ASP A 139 -3.74 -5.35 2.79
C ASP A 139 -3.57 -6.86 2.91
N VAL A 140 -4.68 -7.58 2.77
CA VAL A 140 -4.65 -9.03 2.96
C VAL A 140 -3.94 -9.70 1.81
N VAL A 141 -4.29 -9.31 0.58
CA VAL A 141 -3.62 -9.83 -0.61
C VAL A 141 -3.16 -8.66 -1.46
N ASN A 142 -1.90 -8.73 -1.88
CA ASN A 142 -1.22 -7.71 -2.67
C ASN A 142 -0.87 -8.29 -4.04
N GLN A 143 -1.33 -7.62 -5.10
CA GLN A 143 -0.81 -7.84 -6.47
C GLN A 143 -1.00 -9.27 -6.96
N ALA A 144 -2.21 -9.81 -6.81
CA ALA A 144 -2.51 -11.16 -7.26
C ALA A 144 -2.99 -11.23 -8.70
N ILE A 145 -3.19 -10.09 -9.36
CA ILE A 145 -3.71 -10.03 -10.72
C ILE A 145 -2.56 -9.73 -11.68
N ASP A 146 -2.57 -10.42 -12.82
CA ASP A 146 -1.65 -10.16 -13.91
C ASP A 146 -2.47 -10.16 -15.19
N GLU A 147 -2.67 -8.97 -15.77
CA GLU A 147 -3.56 -8.84 -16.91
C GLU A 147 -3.00 -9.48 -18.18
N ASN A 148 -1.75 -9.93 -18.18
N ASN A 148 -1.75 -9.92 -18.18
CA ASN A 148 -1.25 -10.65 -19.34
CA ASN A 148 -1.20 -10.66 -19.30
C ASN A 148 -1.71 -12.10 -19.36
C ASN A 148 -1.68 -12.11 -19.34
N GLN A 149 -2.26 -12.61 -18.26
CA GLN A 149 -2.78 -13.97 -18.21
C GLN A 149 -4.25 -13.96 -18.61
N SER A 150 -4.65 -14.98 -19.37
N SER A 150 -4.66 -14.99 -19.36
CA SER A 150 -6.00 -15.01 -19.92
CA SER A 150 -6.00 -14.99 -19.92
C SER A 150 -7.05 -14.92 -18.83
C SER A 150 -7.08 -14.95 -18.84
N ASP A 151 -6.85 -15.61 -17.70
CA ASP A 151 -7.79 -15.59 -16.60
C ASP A 151 -7.48 -14.49 -15.57
N GLY A 152 -6.44 -13.70 -15.81
CA GLY A 152 -6.12 -12.56 -14.99
C GLY A 152 -5.31 -12.84 -13.74
N TYR A 153 -5.03 -14.08 -13.40
CA TYR A 153 -4.33 -14.34 -12.15
C TYR A 153 -2.82 -14.42 -12.35
N ARG A 154 -2.10 -13.72 -11.50
CA ARG A 154 -0.63 -13.82 -11.48
C ARG A 154 -0.20 -15.25 -11.19
N ARG A 155 0.72 -15.79 -12.01
CA ARG A 155 1.21 -17.16 -11.85
C ARG A 155 2.36 -17.20 -10.84
N SER A 156 2.10 -16.67 -9.65
CA SER A 156 3.04 -16.79 -8.56
C SER A 156 3.03 -18.21 -7.98
N THR A 157 3.98 -18.48 -7.08
CA THR A 157 3.97 -19.77 -6.41
C THR A 157 2.65 -20.00 -5.69
N TRP A 158 2.08 -18.94 -5.08
CA TRP A 158 0.79 -19.07 -4.43
C TRP A 158 -0.23 -19.69 -5.38
N TYR A 159 -0.32 -19.14 -6.59
CA TYR A 159 -1.29 -19.61 -7.56
C TYR A 159 -0.92 -20.98 -8.11
N GLU A 160 0.36 -21.20 -8.40
N GLU A 160 0.36 -21.19 -8.41
CA GLU A 160 0.78 -22.48 -8.95
CA GLU A 160 0.80 -22.48 -8.94
C GLU A 160 0.43 -23.64 -8.03
C GLU A 160 0.39 -23.62 -8.02
N ILE A 161 0.54 -23.41 -6.71
CA ILE A 161 0.26 -24.48 -5.76
C ILE A 161 -1.22 -24.57 -5.43
N CYS A 162 -1.88 -23.42 -5.26
CA CYS A 162 -3.21 -23.41 -4.67
C CYS A 162 -4.34 -23.19 -5.66
N GLY A 163 -4.05 -22.69 -6.85
CA GLY A 163 -5.07 -22.09 -7.67
C GLY A 163 -5.59 -20.83 -7.01
N PRO A 164 -6.66 -20.25 -7.55
CA PRO A 164 -7.09 -18.95 -7.04
C PRO A 164 -7.69 -18.96 -5.65
N GLU A 165 -7.99 -20.13 -5.07
CA GLU A 165 -8.67 -20.11 -3.79
C GLU A 165 -7.82 -19.54 -2.65
N TYR A 166 -6.49 -19.39 -2.80
CA TYR A 166 -5.69 -18.79 -1.72
C TYR A 166 -6.18 -17.39 -1.43
N ILE A 167 -6.72 -16.69 -2.43
CA ILE A 167 -7.14 -15.31 -2.24
C ILE A 167 -8.34 -15.25 -1.31
N GLU A 168 -9.43 -15.97 -1.66
CA GLU A 168 -10.63 -15.89 -0.84
C GLU A 168 -10.37 -16.43 0.55
N LYS A 169 -9.55 -17.48 0.66
CA LYS A 169 -9.28 -18.05 1.98
C LYS A 169 -8.49 -17.10 2.85
N ALA A 170 -7.56 -16.35 2.26
CA ALA A 170 -6.84 -15.36 3.04
C ALA A 170 -7.82 -14.38 3.69
N PHE A 171 -8.82 -13.92 2.94
CA PHE A 171 -9.78 -12.99 3.52
C PHE A 171 -10.61 -13.65 4.61
N ILE A 172 -11.09 -14.88 4.36
CA ILE A 172 -11.87 -15.60 5.37
C ILE A 172 -11.10 -15.69 6.68
N TRP A 173 -9.84 -16.09 6.60
CA TRP A 173 -9.07 -16.33 7.80
C TRP A 173 -8.66 -15.03 8.49
N ALA A 174 -8.34 -13.98 7.73
CA ALA A 174 -8.04 -12.71 8.35
C ALA A 174 -9.26 -12.16 9.11
N HIS A 175 -10.46 -12.34 8.55
CA HIS A 175 -11.65 -11.84 9.20
C HIS A 175 -11.96 -12.62 10.47
N GLU A 176 -11.68 -13.91 10.49
CA GLU A 176 -11.82 -14.70 11.71
C GLU A 176 -10.84 -14.24 12.77
N ALA A 177 -9.61 -13.94 12.37
CA ALA A 177 -8.56 -13.55 13.32
C ALA A 177 -8.81 -12.15 13.90
N ASP A 178 -9.38 -11.23 13.13
CA ASP A 178 -9.76 -9.93 13.68
C ASP A 178 -11.00 -9.44 12.95
N PRO A 179 -12.18 -9.73 13.49
CA PRO A 179 -13.42 -9.36 12.79
C PRO A 179 -13.63 -7.88 12.62
N ASN A 180 -12.88 -7.05 13.34
N ASN A 180 -12.91 -7.03 13.30
CA ASN A 180 -13.00 -5.60 13.32
CA ASN A 180 -13.13 -5.59 13.17
C ASN A 180 -12.15 -4.93 12.24
C ASN A 180 -12.10 -4.89 12.28
N ALA A 181 -11.12 -5.61 11.74
CA ALA A 181 -10.22 -5.01 10.77
C ALA A 181 -10.91 -4.88 9.42
N LYS A 182 -10.63 -3.79 8.70
CA LYS A 182 -11.09 -3.67 7.32
C LYS A 182 -10.06 -4.32 6.41
N LEU A 183 -10.52 -5.24 5.57
CA LEU A 183 -9.68 -6.10 4.76
C LEU A 183 -9.67 -5.66 3.31
N PHE A 184 -8.49 -5.40 2.81
CA PHE A 184 -8.30 -4.84 1.47
C PHE A 184 -7.59 -5.79 0.51
N TYR A 185 -8.02 -5.77 -0.76
CA TYR A 185 -7.27 -6.26 -1.90
C TYR A 185 -6.51 -5.07 -2.48
N ASN A 186 -5.19 -5.15 -2.62
CA ASN A 186 -4.36 -3.99 -2.96
C ASN A 186 -3.61 -4.25 -4.26
N ASP A 187 -3.56 -3.27 -5.18
CA ASP A 187 -2.87 -3.50 -6.44
C ASP A 187 -2.50 -2.19 -7.12
N TYR A 188 -1.57 -2.30 -8.07
CA TYR A 188 -1.12 -1.21 -8.93
C TYR A 188 -1.64 -1.43 -10.34
N ASN A 189 -1.48 -0.39 -11.18
CA ASN A 189 -1.90 -0.45 -12.59
C ASN A 189 -3.41 -0.64 -12.71
N THR A 190 -4.15 -0.06 -11.77
CA THR A 190 -5.60 -0.07 -11.85
C THR A 190 -6.14 0.78 -13.00
N GLU A 191 -5.28 1.59 -13.62
CA GLU A 191 -5.68 2.41 -14.75
C GLU A 191 -5.33 1.77 -16.08
N ILE A 192 -4.86 0.52 -16.07
CA ILE A 192 -4.83 -0.31 -17.26
CA ILE A 192 -4.84 -0.30 -17.27
C ILE A 192 -6.18 -1.01 -17.32
N SER A 193 -6.99 -0.70 -18.34
CA SER A 193 -8.39 -1.13 -18.33
CA SER A 193 -8.39 -1.12 -18.30
C SER A 193 -8.54 -2.63 -18.15
N LYS A 194 -7.73 -3.43 -18.86
CA LYS A 194 -7.89 -4.88 -18.74
C LYS A 194 -7.62 -5.35 -17.31
N LYS A 195 -6.61 -4.76 -16.66
CA LYS A 195 -6.30 -5.10 -15.29
C LYS A 195 -7.39 -4.61 -14.33
N ARG A 196 -7.85 -3.37 -14.51
CA ARG A 196 -8.98 -2.88 -13.74
C ARG A 196 -10.15 -3.85 -13.79
N ASP A 197 -10.47 -4.34 -15.00
CA ASP A 197 -11.61 -5.24 -15.15
C ASP A 197 -11.40 -6.54 -14.39
N PHE A 198 -10.18 -7.11 -14.44
CA PHE A 198 -9.93 -8.33 -13.69
C PHE A 198 -10.08 -8.08 -12.19
N ILE A 199 -9.55 -6.96 -11.70
CA ILE A 199 -9.63 -6.66 -10.27
C ILE A 199 -11.08 -6.46 -9.86
N TYR A 200 -11.81 -5.65 -10.64
CA TYR A 200 -13.22 -5.39 -10.37
C TYR A 200 -14.01 -6.70 -10.28
N ASN A 201 -13.90 -7.55 -11.30
CA ASN A 201 -14.69 -8.77 -11.30
C ASN A 201 -14.27 -9.70 -10.17
N MET A 202 -12.98 -9.81 -9.90
CA MET A 202 -12.54 -10.67 -8.81
CA MET A 202 -12.53 -10.67 -8.81
C MET A 202 -13.14 -10.22 -7.49
N VAL A 203 -13.02 -8.94 -7.16
CA VAL A 203 -13.50 -8.45 -5.87
C VAL A 203 -15.03 -8.55 -5.81
N LYS A 204 -15.71 -8.18 -6.89
CA LYS A 204 -17.17 -8.26 -6.92
C LYS A 204 -17.63 -9.68 -6.70
N ASN A 205 -16.97 -10.64 -7.35
CA ASN A 205 -17.35 -12.05 -7.20
C ASN A 205 -17.07 -12.57 -5.81
N LEU A 206 -15.95 -12.19 -5.21
CA LEU A 206 -15.70 -12.57 -3.82
C LEU A 206 -16.80 -12.03 -2.92
N LYS A 207 -17.12 -10.75 -3.11
CA LYS A 207 -18.08 -10.09 -2.25
C LYS A 207 -19.45 -10.71 -2.43
N SER A 208 -19.82 -11.01 -3.66
N SER A 208 -19.80 -11.05 -3.66
CA SER A 208 -21.16 -11.50 -3.93
CA SER A 208 -21.13 -11.59 -3.94
C SER A 208 -21.37 -12.90 -3.35
C SER A 208 -21.34 -12.93 -3.25
N LYS A 209 -20.32 -13.67 -3.11
N LYS A 209 -20.29 -13.75 -3.13
CA LYS A 209 -20.47 -14.98 -2.49
CA LYS A 209 -20.43 -15.04 -2.47
C LYS A 209 -20.13 -14.97 -1.01
C LYS A 209 -20.09 -14.99 -0.99
N GLY A 210 -20.03 -13.79 -0.41
CA GLY A 210 -19.93 -13.66 1.02
C GLY A 210 -18.52 -13.64 1.59
N ILE A 211 -17.50 -13.52 0.76
CA ILE A 211 -16.15 -13.39 1.28
C ILE A 211 -16.01 -12.03 1.98
N PRO A 212 -15.38 -11.98 3.17
CA PRO A 212 -15.28 -10.71 3.91
C PRO A 212 -14.15 -9.80 3.42
N ILE A 213 -14.35 -9.25 2.24
CA ILE A 213 -13.49 -8.21 1.69
C ILE A 213 -14.21 -6.88 1.82
N HIS A 214 -13.52 -5.88 2.36
CA HIS A 214 -14.15 -4.61 2.66
C HIS A 214 -13.64 -3.47 1.82
N GLY A 215 -12.56 -3.65 1.08
CA GLY A 215 -12.05 -2.52 0.34
C GLY A 215 -11.09 -2.93 -0.75
N ILE A 216 -10.89 -1.99 -1.65
CA ILE A 216 -9.88 -2.06 -2.68
C ILE A 216 -8.84 -0.97 -2.41
N GLY A 217 -7.57 -1.36 -2.43
CA GLY A 217 -6.46 -0.42 -2.37
C GLY A 217 -5.94 -0.18 -3.76
N MET A 218 -6.00 1.08 -4.18
CA MET A 218 -5.40 1.52 -5.44
C MET A 218 -4.03 2.10 -5.08
N GLN A 219 -2.96 1.41 -5.46
CA GLN A 219 -1.63 1.86 -5.05
C GLN A 219 -1.31 3.25 -5.55
N CYS A 220 -1.66 3.52 -6.79
CA CYS A 220 -1.44 4.83 -7.38
CA CYS A 220 -1.43 4.83 -7.42
C CYS A 220 0.05 5.21 -7.42
N HIS A 221 0.88 4.27 -7.88
CA HIS A 221 2.29 4.54 -8.20
C HIS A 221 2.29 5.08 -9.61
N ILE A 222 2.25 6.40 -9.75
CA ILE A 222 2.00 7.09 -11.02
C ILE A 222 3.17 8.00 -11.35
N ASN A 223 3.02 8.78 -12.41
CA ASN A 223 4.07 9.71 -12.81
C ASN A 223 3.41 10.96 -13.37
N VAL A 224 4.23 11.99 -13.63
CA VAL A 224 3.67 13.28 -14.04
C VAL A 224 2.95 13.20 -15.38
N ASN A 225 3.19 12.14 -16.16
CA ASN A 225 2.63 12.01 -17.50
C ASN A 225 1.51 10.98 -17.65
N TRP A 226 1.37 10.03 -16.71
CA TRP A 226 0.48 8.90 -16.87
C TRP A 226 0.18 8.34 -15.49
N PRO A 227 -1.03 7.84 -15.23
CA PRO A 227 -2.21 7.90 -16.08
C PRO A 227 -2.88 9.24 -15.84
N SER A 228 -3.95 9.54 -16.57
CA SER A 228 -4.65 10.79 -16.34
C SER A 228 -5.48 10.69 -15.05
N VAL A 229 -5.75 11.86 -14.46
CA VAL A 229 -6.63 11.90 -13.30
C VAL A 229 -8.00 11.34 -13.66
N SER A 230 -8.47 11.60 -14.88
CA SER A 230 -9.76 11.07 -15.33
CA SER A 230 -9.75 11.08 -15.32
CA SER A 230 -9.76 11.07 -15.33
C SER A 230 -9.76 9.54 -15.31
N GLU A 231 -8.64 8.91 -15.67
CA GLU A 231 -8.61 7.45 -15.63
CA GLU A 231 -8.59 7.46 -15.63
C GLU A 231 -8.59 6.94 -14.20
N ILE A 232 -7.87 7.63 -13.29
CA ILE A 232 -7.96 7.28 -11.88
C ILE A 232 -9.40 7.40 -11.39
N GLU A 233 -10.08 8.46 -11.80
CA GLU A 233 -11.49 8.61 -11.45
C GLU A 233 -12.33 7.47 -12.01
N ASN A 234 -12.05 7.03 -13.24
CA ASN A 234 -12.80 5.91 -13.81
C ASN A 234 -12.63 4.66 -12.95
N SER A 235 -11.43 4.44 -12.40
CA SER A 235 -11.22 3.30 -11.53
C SER A 235 -12.05 3.42 -10.27
N ILE A 236 -12.06 4.61 -9.67
CA ILE A 236 -12.86 4.83 -8.47
C ILE A 236 -14.33 4.59 -8.77
N LYS A 237 -14.82 5.09 -9.90
N LYS A 237 -14.84 5.14 -9.87
CA LYS A 237 -16.23 4.93 -10.23
CA LYS A 237 -16.23 4.92 -10.24
C LYS A 237 -16.62 3.47 -10.39
C LYS A 237 -16.55 3.43 -10.28
N LEU A 238 -15.76 2.67 -11.02
CA LEU A 238 -16.09 1.26 -11.21
C LEU A 238 -15.98 0.50 -9.89
N PHE A 239 -14.88 0.68 -9.18
CA PHE A 239 -14.71 -0.06 -7.94
C PHE A 239 -15.77 0.33 -6.91
N SER A 240 -16.14 1.61 -6.85
N SER A 240 -16.12 1.61 -6.87
CA SER A 240 -17.13 2.08 -5.88
CA SER A 240 -17.12 2.13 -5.94
C SER A 240 -18.54 1.60 -6.22
C SER A 240 -18.49 1.50 -6.19
N SER A 241 -18.75 1.06 -7.42
CA SER A 241 -20.04 0.49 -7.75
C SER A 241 -20.27 -0.84 -7.06
N ILE A 242 -19.25 -1.48 -6.50
CA ILE A 242 -19.45 -2.73 -5.78
C ILE A 242 -20.02 -2.41 -4.42
N PRO A 243 -21.19 -2.89 -4.04
CA PRO A 243 -21.72 -2.56 -2.73
C PRO A 243 -20.82 -3.08 -1.61
N GLY A 244 -20.63 -2.25 -0.61
CA GLY A 244 -19.86 -2.62 0.55
C GLY A 244 -18.35 -2.56 0.39
N ILE A 245 -17.85 -1.91 -0.66
CA ILE A 245 -16.42 -1.76 -0.91
C ILE A 245 -16.06 -0.31 -0.68
N GLU A 246 -15.09 -0.06 0.21
CA GLU A 246 -14.47 1.25 0.31
C GLU A 246 -13.13 1.24 -0.40
N ILE A 247 -12.60 2.44 -0.62
N ILE A 247 -12.58 2.42 -0.63
CA ILE A 247 -11.35 2.64 -1.35
CA ILE A 247 -11.34 2.58 -1.37
C ILE A 247 -10.33 3.26 -0.41
C ILE A 247 -10.32 3.29 -0.50
N HIS A 248 -9.10 2.76 -0.47
CA HIS A 248 -7.93 3.46 0.03
C HIS A 248 -7.02 3.69 -1.16
N ILE A 249 -6.49 4.90 -1.28
CA ILE A 249 -5.37 5.18 -2.17
C ILE A 249 -4.16 4.85 -1.29
N THR A 250 -3.43 3.77 -1.59
CA THR A 250 -2.57 3.19 -0.58
C THR A 250 -1.09 3.53 -0.68
N GLN A 251 -0.58 3.87 -1.87
CA GLN A 251 0.85 3.96 -2.05
C GLN A 251 1.19 5.08 -3.03
N LEU A 252 0.53 6.22 -2.86
CA LEU A 252 0.61 7.30 -3.82
C LEU A 252 2.02 7.88 -3.90
N ASP A 253 2.52 7.96 -5.14
CA ASP A 253 3.72 8.72 -5.43
C ASP A 253 3.68 9.07 -6.92
N MET A 254 4.50 10.05 -7.30
CA MET A 254 4.41 10.56 -8.66
C MET A 254 5.81 10.86 -9.19
N SER A 255 6.38 9.89 -9.90
CA SER A 255 7.71 10.07 -10.49
C SER A 255 7.72 11.25 -11.43
N LEU A 256 8.86 11.95 -11.50
CA LEU A 256 9.04 13.01 -12.48
C LEU A 256 9.32 12.48 -13.88
N TYR A 257 9.55 11.18 -14.03
CA TYR A 257 9.95 10.60 -15.30
C TYR A 257 8.81 9.83 -15.94
N ASN A 258 8.86 9.78 -17.27
CA ASN A 258 8.08 8.79 -17.95
C ASN A 258 8.62 7.40 -17.65
N TYR A 259 7.72 6.44 -17.69
CA TYR A 259 8.09 5.06 -17.40
C TYR A 259 8.98 4.50 -18.50
N GLY A 260 10.09 3.88 -18.08
CA GLY A 260 11.04 3.35 -19.05
C GLY A 260 11.85 4.40 -19.78
N SER A 261 11.85 5.64 -19.29
CA SER A 261 12.61 6.73 -19.92
C SER A 261 14.05 6.73 -19.41
N SER A 262 14.97 7.09 -20.30
CA SER A 262 16.37 7.19 -19.93
C SER A 262 16.75 8.57 -19.41
N GLU A 263 15.80 9.48 -19.25
CA GLU A 263 16.12 10.75 -18.63
C GLU A 263 16.64 10.48 -17.21
N ASN A 264 17.56 11.32 -16.76
CA ASN A 264 18.22 11.11 -15.48
C ASN A 264 18.72 12.49 -15.05
N TYR A 265 18.09 13.05 -14.02
CA TYR A 265 18.42 14.39 -13.57
C TYR A 265 19.18 14.36 -12.26
N SER A 266 20.13 15.27 -12.10
N SER A 266 20.14 15.28 -12.12
N SER A 266 20.14 15.28 -12.11
CA SER A 266 20.84 15.40 -10.83
CA SER A 266 20.86 15.43 -10.85
CA SER A 266 20.85 15.42 -10.84
C SER A 266 20.11 16.30 -9.85
C SER A 266 20.07 16.27 -9.86
C SER A 266 20.04 16.25 -9.86
N THR A 267 19.39 17.30 -10.35
CA THR A 267 18.52 18.12 -9.53
C THR A 267 17.17 18.18 -10.22
N PRO A 268 16.09 18.38 -9.47
CA PRO A 268 14.76 18.24 -10.05
C PRO A 268 14.45 19.41 -10.97
N PRO A 269 14.06 19.16 -12.22
CA PRO A 269 13.70 20.29 -13.10
C PRO A 269 12.45 20.98 -12.59
N GLN A 270 12.48 22.33 -12.53
CA GLN A 270 11.34 23.04 -11.99
C GLN A 270 10.09 22.83 -12.83
N ASP A 271 10.22 22.76 -14.15
CA ASP A 271 9.02 22.55 -14.94
C ASP A 271 8.34 21.24 -14.57
N LEU A 272 9.11 20.21 -14.28
CA LEU A 272 8.51 18.93 -13.88
C LEU A 272 7.96 19.00 -12.48
N LEU A 273 8.62 19.73 -11.57
CA LEU A 273 8.04 19.94 -10.25
C LEU A 273 6.70 20.66 -10.34
N GLN A 274 6.58 21.60 -11.28
CA GLN A 274 5.30 22.31 -11.45
C GLN A 274 4.24 21.42 -12.08
N LYS A 275 4.63 20.59 -13.06
CA LYS A 275 3.69 19.64 -13.62
C LYS A 275 3.21 18.68 -12.55
N GLN A 276 4.13 18.28 -11.68
CA GLN A 276 3.78 17.42 -10.54
C GLN A 276 2.78 18.09 -9.64
N ALA A 277 3.03 19.37 -9.29
CA ALA A 277 2.12 20.11 -8.43
C ALA A 277 0.74 20.23 -9.05
N GLN A 278 0.68 20.58 -10.33
N GLN A 278 0.68 20.58 -10.33
CA GLN A 278 -0.61 20.72 -10.99
CA GLN A 278 -0.61 20.71 -10.99
C GLN A 278 -1.37 19.40 -10.97
C GLN A 278 -1.37 19.40 -10.97
N LYS A 279 -0.68 18.29 -11.20
CA LYS A 279 -1.36 17.01 -11.25
C LYS A 279 -1.81 16.57 -9.86
N TYR A 280 -0.98 16.80 -8.82
CA TYR A 280 -1.45 16.50 -7.48
C TYR A 280 -2.67 17.34 -7.10
N LYS A 281 -2.70 18.61 -7.52
CA LYS A 281 -3.88 19.43 -7.24
C LYS A 281 -5.11 18.83 -7.91
N GLU A 282 -4.98 18.48 -9.20
N GLU A 282 -4.99 18.46 -9.20
CA GLU A 282 -6.09 17.89 -9.94
CA GLU A 282 -6.15 17.91 -9.89
C GLU A 282 -6.54 16.59 -9.28
C GLU A 282 -6.56 16.58 -9.27
N LEU A 283 -5.59 15.76 -8.87
CA LEU A 283 -5.89 14.49 -8.24
C LEU A 283 -6.71 14.68 -6.96
N PHE A 284 -6.23 15.54 -6.06
CA PHE A 284 -6.95 15.73 -4.81
C PHE A 284 -8.28 16.43 -4.99
N THR A 285 -8.40 17.34 -5.96
CA THR A 285 -9.70 17.93 -6.26
C THR A 285 -10.70 16.85 -6.66
N MET A 286 -10.25 15.90 -7.47
CA MET A 286 -11.11 14.79 -7.86
C MET A 286 -11.43 13.87 -6.68
N LEU A 287 -10.40 13.49 -5.90
CA LEU A 287 -10.66 12.59 -4.78
C LEU A 287 -11.69 13.17 -3.81
N LYS A 288 -11.68 14.48 -3.63
CA LYS A 288 -12.62 15.13 -2.72
C LYS A 288 -14.07 14.98 -3.15
N LYS A 289 -14.32 14.62 -4.41
CA LYS A 289 -15.70 14.38 -4.86
C LYS A 289 -16.19 13.01 -4.46
N TYR A 290 -15.30 12.14 -3.96
CA TYR A 290 -15.57 10.74 -3.72
C TYR A 290 -15.32 10.35 -2.26
N THR A 291 -15.52 11.28 -1.33
CA THR A 291 -15.27 10.97 0.07
C THR A 291 -16.30 10.00 0.65
N ASN A 292 -17.39 9.74 -0.08
CA ASN A 292 -18.31 8.69 0.32
C ASN A 292 -17.65 7.32 0.25
N VAL A 293 -16.58 7.16 -0.52
CA VAL A 293 -15.99 5.85 -0.74
C VAL A 293 -14.49 5.84 -0.48
N VAL A 294 -13.79 6.94 -0.81
CA VAL A 294 -12.35 7.06 -0.55
C VAL A 294 -12.18 7.53 0.88
N LYS A 295 -11.58 6.67 1.72
CA LYS A 295 -11.51 6.92 3.16
C LYS A 295 -10.11 7.22 3.66
N CYS A 296 -9.08 6.91 2.86
CA CYS A 296 -7.70 7.12 3.26
C CYS A 296 -6.86 7.29 2.01
N VAL A 297 -5.89 8.23 2.06
CA VAL A 297 -4.93 8.44 0.99
C VAL A 297 -3.55 8.45 1.65
N THR A 298 -2.73 7.43 1.35
CA THR A 298 -1.40 7.29 1.90
C THR A 298 -0.36 7.51 0.82
N PHE A 299 0.63 8.33 1.13
CA PHE A 299 1.80 8.57 0.29
C PHE A 299 2.88 7.55 0.59
N TRP A 300 3.52 7.02 -0.46
CA TRP A 300 4.54 5.99 -0.27
C TRP A 300 5.92 6.61 -0.01
N GLY A 301 6.00 7.34 1.11
CA GLY A 301 7.26 7.88 1.60
C GLY A 301 7.05 9.28 2.15
N LEU A 302 7.95 9.66 3.05
CA LEU A 302 7.87 10.93 3.77
C LEU A 302 8.45 12.08 2.94
N LYS A 303 9.57 11.83 2.27
CA LYS A 303 10.31 12.88 1.55
CA LYS A 303 10.28 12.88 1.54
C LYS A 303 11.11 12.23 0.44
N ASP A 304 11.55 13.07 -0.52
CA ASP A 304 11.98 12.55 -1.81
C ASP A 304 13.15 11.59 -1.75
N ASP A 305 14.13 11.86 -0.87
CA ASP A 305 15.29 10.96 -0.79
C ASP A 305 14.97 9.64 -0.10
N TYR A 306 13.80 9.52 0.53
CA TYR A 306 13.37 8.27 1.11
C TYR A 306 12.59 7.42 0.12
N SER A 307 12.31 7.94 -1.07
CA SER A 307 11.45 7.22 -2.02
C SER A 307 12.12 5.97 -2.53
N TRP A 308 11.36 4.87 -2.51
CA TRP A 308 11.76 3.61 -3.09
C TRP A 308 12.09 3.74 -4.57
N LEU A 309 11.58 4.76 -5.25
CA LEU A 309 11.83 4.88 -6.69
C LEU A 309 13.30 5.11 -6.99
N ARG A 310 14.06 5.67 -6.07
CA ARG A 310 15.47 5.91 -6.31
C ARG A 310 16.22 4.59 -6.50
N SER A 311 16.02 3.64 -5.60
CA SER A 311 16.60 2.30 -5.78
CA SER A 311 16.60 2.30 -5.78
C SER A 311 15.90 1.54 -6.90
N PHE A 312 14.59 1.66 -7.03
CA PHE A 312 13.86 0.87 -8.02
C PHE A 312 14.40 1.12 -9.43
N ASN A 313 14.65 2.39 -9.76
CA ASN A 313 15.11 2.75 -11.09
C ASN A 313 16.58 3.15 -11.14
N GLY A 314 17.26 3.19 -9.99
CA GLY A 314 18.66 3.52 -9.99
C GLY A 314 18.97 4.94 -10.39
N LYS A 315 18.14 5.90 -10.01
CA LYS A 315 18.43 7.30 -10.29
C LYS A 315 17.67 8.17 -9.30
N ASN A 316 18.09 9.44 -9.21
CA ASN A 316 17.39 10.37 -8.35
C ASN A 316 15.98 10.61 -8.89
N ASP A 317 15.04 10.83 -7.98
CA ASP A 317 13.66 11.13 -8.33
C ASP A 317 13.05 11.91 -7.19
N TRP A 318 11.95 12.58 -7.47
CA TRP A 318 11.34 13.54 -6.56
C TRP A 318 9.85 13.33 -6.58
N PRO A 319 9.36 12.25 -5.97
CA PRO A 319 7.97 11.81 -6.22
C PRO A 319 6.94 12.25 -5.19
N LEU A 320 7.37 12.91 -4.10
CA LEU A 320 6.56 13.07 -2.91
C LEU A 320 6.31 14.55 -2.65
N LEU A 321 6.01 14.91 -1.38
CA LEU A 321 5.58 16.27 -1.08
C LEU A 321 6.65 17.12 -0.42
N LEU A 322 7.69 16.51 0.14
CA LEU A 322 8.78 17.19 0.83
C LEU A 322 10.09 16.86 0.15
N PHE A 323 10.94 17.88 0.04
CA PHE A 323 12.28 17.72 -0.46
C PHE A 323 13.17 17.00 0.56
N GLU A 324 14.39 16.71 0.12
CA GLU A 324 15.36 16.01 0.95
C GLU A 324 15.68 16.74 2.25
N ASP A 325 15.55 18.05 2.28
CA ASP A 325 15.81 18.84 3.49
C ASP A 325 14.57 19.06 4.34
N TYR A 326 13.51 18.30 4.07
CA TYR A 326 12.21 18.36 4.77
C TYR A 326 11.36 19.56 4.35
N SER A 327 11.82 20.44 3.47
CA SER A 327 11.05 21.62 3.12
C SER A 327 9.95 21.26 2.13
N ALA A 328 8.90 22.08 2.12
CA ALA A 328 7.72 21.81 1.30
C ALA A 328 8.01 22.06 -0.18
N LYS A 329 7.47 21.18 -1.01
CA LYS A 329 7.59 21.30 -2.46
C LYS A 329 6.40 22.02 -3.05
N PRO A 330 6.49 22.42 -4.32
CA PRO A 330 5.28 22.89 -5.02
C PRO A 330 4.13 21.93 -4.85
N ALA A 331 4.42 20.62 -4.88
CA ALA A 331 3.38 19.61 -4.72
C ALA A 331 2.67 19.72 -3.37
N TYR A 332 3.41 19.96 -2.29
CA TYR A 332 2.77 20.18 -0.99
C TYR A 332 1.75 21.31 -1.07
N TRP A 333 2.16 22.47 -1.59
CA TRP A 333 1.26 23.61 -1.62
C TRP A 333 0.05 23.34 -2.51
N ALA A 334 0.24 22.56 -3.57
CA ALA A 334 -0.87 22.18 -4.43
C ALA A 334 -1.88 21.32 -3.68
N VAL A 335 -1.40 20.37 -2.87
CA VAL A 335 -2.28 19.51 -2.09
C VAL A 335 -3.03 20.34 -1.05
N ILE A 336 -2.36 21.33 -0.43
CA ILE A 336 -3.06 22.21 0.49
C ILE A 336 -4.08 23.06 -0.25
N GLU A 337 -3.71 23.58 -1.42
CA GLU A 337 -4.64 24.38 -2.20
C GLU A 337 -5.90 23.59 -2.54
N ALA A 338 -5.75 22.33 -2.95
CA ALA A 338 -6.90 21.52 -3.32
C ALA A 338 -7.82 21.24 -2.11
N SER A 339 -7.28 21.32 -0.90
CA SER A 339 -8.08 21.00 0.28
C SER A 339 -9.13 22.07 0.49
#